data_337D
# 
_entry.id   337D 
# 
_audit_conform.dict_name       mmcif_pdbx.dic 
_audit_conform.dict_version    5.387 
_audit_conform.dict_location   http://mmcif.pdb.org/dictionaries/ascii/mmcif_pdbx.dic 
# 
loop_
_database_2.database_id 
_database_2.database_code 
_database_2.pdbx_database_accession 
_database_2.pdbx_DOI 
PDB   337D         pdb_0000337d 10.2210/pdb337d/pdb 
RCSB  ADHB91       ?            ?                   
WWPDB D_1000178806 ?            ?                   
# 
loop_
_pdbx_audit_revision_history.ordinal 
_pdbx_audit_revision_history.data_content_type 
_pdbx_audit_revision_history.major_revision 
_pdbx_audit_revision_history.minor_revision 
_pdbx_audit_revision_history.revision_date 
1 'Structure model' 1 0 1997-07-21 
2 'Structure model' 1 1 2008-05-22 
3 'Structure model' 1 2 2011-07-13 
4 'Structure model' 1 3 2024-02-21 
# 
_pdbx_audit_revision_details.ordinal             1 
_pdbx_audit_revision_details.revision_ordinal    1 
_pdbx_audit_revision_details.data_content_type   'Structure model' 
_pdbx_audit_revision_details.provider            repository 
_pdbx_audit_revision_details.type                'Initial release' 
_pdbx_audit_revision_details.description         ? 
_pdbx_audit_revision_details.details             ? 
# 
loop_
_pdbx_audit_revision_group.ordinal 
_pdbx_audit_revision_group.revision_ordinal 
_pdbx_audit_revision_group.data_content_type 
_pdbx_audit_revision_group.group 
1 2 'Structure model' 'Version format compliance' 
2 3 'Structure model' 'Version format compliance' 
3 4 'Structure model' 'Data collection'           
4 4 'Structure model' 'Database references'       
5 4 'Structure model' 'Derived calculations'      
# 
loop_
_pdbx_audit_revision_category.ordinal 
_pdbx_audit_revision_category.revision_ordinal 
_pdbx_audit_revision_category.data_content_type 
_pdbx_audit_revision_category.category 
1 4 'Structure model' chem_comp_atom 
2 4 'Structure model' chem_comp_bond 
3 4 'Structure model' database_2     
4 4 'Structure model' struct_conn    
# 
loop_
_pdbx_audit_revision_item.ordinal 
_pdbx_audit_revision_item.revision_ordinal 
_pdbx_audit_revision_item.data_content_type 
_pdbx_audit_revision_item.item 
1 4 'Structure model' '_database_2.pdbx_DOI'                
2 4 'Structure model' '_database_2.pdbx_database_accession' 
3 4 'Structure model' '_struct_conn.pdbx_leaving_atom_flag' 
# 
_pdbx_database_status.status_code                     REL 
_pdbx_database_status.entry_id                        337D 
_pdbx_database_status.recvd_initial_deposition_date   1997-06-26 
_pdbx_database_status.deposit_site                    NDB 
_pdbx_database_status.process_site                    NDB 
_pdbx_database_status.status_code_sf                  REL 
_pdbx_database_status.status_code_mr                  ? 
_pdbx_database_status.SG_entry                        ? 
_pdbx_database_status.pdb_format_compatible           Y 
_pdbx_database_status.status_code_cs                  ? 
_pdbx_database_status.status_code_nmr_data            ? 
_pdbx_database_status.methods_development_category    ? 
# 
loop_
_audit_author.name 
_audit_author.pdbx_ordinal 
'Mooers, B.H.M.' 1 
'Eichman, B.F.'  2 
'Ho, P.S.'       3 
# 
_citation.id                        primary 
_citation.title                     'Structural Parameters from Single-Crystal Structures for Accurate Models of A-DNA' 
_citation.journal_abbrev            'To be Published' 
_citation.journal_volume            ? 
_citation.page_first                ? 
_citation.page_last                 ? 
_citation.year                      ? 
_citation.journal_id_ASTM           ? 
_citation.country                   ? 
_citation.journal_id_ISSN           ? 
_citation.journal_id_CSD            0353 
_citation.book_publisher            ? 
_citation.pdbx_database_id_PubMed   ? 
_citation.pdbx_database_id_DOI      ? 
# 
loop_
_citation_author.citation_id 
_citation_author.name 
_citation_author.ordinal 
_citation_author.identifier_ORCID 
primary 'Mooers, B.H.M.' 1 ? 
primary 'Eichman, B.F.'  2 ? 
primary 'Ho, P.S.'       3 ? 
# 
loop_
_entity.id 
_entity.type 
_entity.src_method 
_entity.pdbx_description 
_entity.formula_weight 
_entity.pdbx_number_of_molecules 
_entity.pdbx_ec 
_entity.pdbx_mutation 
_entity.pdbx_fragment 
_entity.details 
1 polymer syn 
;DNA (5'-D(*GP*CP*GP*(5CM)P*GP*(5CM)P*GP*C)-3')
;
2456.647 1  ? ? ? ? 
2 water   nat water                                            18.015   20 ? ? ? ? 
# 
_entity_poly.entity_id                      1 
_entity_poly.type                           polydeoxyribonucleotide 
_entity_poly.nstd_linkage                   no 
_entity_poly.nstd_monomer                   yes 
_entity_poly.pdbx_seq_one_letter_code       '(DG)(DC)(DG)(5CM)(DG)(5CM)(DG)(DC)' 
_entity_poly.pdbx_seq_one_letter_code_can   GCGCGCGC 
_entity_poly.pdbx_strand_id                 A 
_entity_poly.pdbx_target_identifier         ? 
# 
_pdbx_entity_nonpoly.entity_id   2 
_pdbx_entity_nonpoly.name        water 
_pdbx_entity_nonpoly.comp_id     HOH 
# 
loop_
_entity_poly_seq.entity_id 
_entity_poly_seq.num 
_entity_poly_seq.mon_id 
_entity_poly_seq.hetero 
1 1 DG  n 
1 2 DC  n 
1 3 DG  n 
1 4 5CM n 
1 5 DG  n 
1 6 5CM n 
1 7 DG  n 
1 8 DC  n 
# 
loop_
_chem_comp.id 
_chem_comp.type 
_chem_comp.mon_nstd_flag 
_chem_comp.name 
_chem_comp.pdbx_synonyms 
_chem_comp.formula 
_chem_comp.formula_weight 
5CM 'DNA linking' n "5-METHYL-2'-DEOXY-CYTIDINE-5'-MONOPHOSPHATE" ? 'C10 H16 N3 O7 P' 321.224 
DC  'DNA linking' y "2'-DEOXYCYTIDINE-5'-MONOPHOSPHATE"           ? 'C9 H14 N3 O7 P'  307.197 
DG  'DNA linking' y "2'-DEOXYGUANOSINE-5'-MONOPHOSPHATE"          ? 'C10 H14 N5 O7 P' 347.221 
HOH non-polymer   . WATER                                         ? 'H2 O'            18.015  
# 
loop_
_pdbx_poly_seq_scheme.asym_id 
_pdbx_poly_seq_scheme.entity_id 
_pdbx_poly_seq_scheme.seq_id 
_pdbx_poly_seq_scheme.mon_id 
_pdbx_poly_seq_scheme.ndb_seq_num 
_pdbx_poly_seq_scheme.pdb_seq_num 
_pdbx_poly_seq_scheme.auth_seq_num 
_pdbx_poly_seq_scheme.pdb_mon_id 
_pdbx_poly_seq_scheme.auth_mon_id 
_pdbx_poly_seq_scheme.pdb_strand_id 
_pdbx_poly_seq_scheme.pdb_ins_code 
_pdbx_poly_seq_scheme.hetero 
A 1 1 DG  1 1 1 DG  G  A . n 
A 1 2 DC  2 2 2 DC  C  A . n 
A 1 3 DG  3 3 3 DG  G  A . n 
A 1 4 5CM 4 4 4 5CM +C A . n 
A 1 5 DG  5 5 5 DG  G  A . n 
A 1 6 5CM 6 6 6 5CM +C A . n 
A 1 7 DG  7 7 7 DG  G  A . n 
A 1 8 DC  8 8 8 DC  C  A . n 
# 
loop_
_pdbx_nonpoly_scheme.asym_id 
_pdbx_nonpoly_scheme.entity_id 
_pdbx_nonpoly_scheme.mon_id 
_pdbx_nonpoly_scheme.ndb_seq_num 
_pdbx_nonpoly_scheme.pdb_seq_num 
_pdbx_nonpoly_scheme.auth_seq_num 
_pdbx_nonpoly_scheme.pdb_mon_id 
_pdbx_nonpoly_scheme.auth_mon_id 
_pdbx_nonpoly_scheme.pdb_strand_id 
_pdbx_nonpoly_scheme.pdb_ins_code 
B 2 HOH 1  9  9  HOH HOH A . 
B 2 HOH 2  10 10 HOH HOH A . 
B 2 HOH 3  11 11 HOH HOH A . 
B 2 HOH 4  12 12 HOH HOH A . 
B 2 HOH 5  13 13 HOH HOH A . 
B 2 HOH 6  14 14 HOH HOH A . 
B 2 HOH 7  15 15 HOH HOH A . 
B 2 HOH 8  16 16 HOH HOH A . 
B 2 HOH 9  17 17 HOH HOH A . 
B 2 HOH 10 18 18 HOH HOH A . 
B 2 HOH 11 19 19 HOH HOH A . 
B 2 HOH 12 20 20 HOH HOH A . 
B 2 HOH 13 21 21 HOH HOH A . 
B 2 HOH 14 22 22 HOH HOH A . 
B 2 HOH 15 23 23 HOH HOH A . 
B 2 HOH 16 24 24 HOH HOH A . 
B 2 HOH 17 25 25 HOH HOH A . 
B 2 HOH 18 26 26 HOH HOH A . 
B 2 HOH 19 27 27 HOH HOH A . 
B 2 HOH 20 28 28 HOH HOH A . 
# 
loop_
_software.name 
_software.classification 
_software.version 
_software.citation_id 
_software.pdbx_ordinal 
XTALVIEW refinement       .   ? 1 
X-PLOR   'model building' .   ? 2 
X-PLOR   refinement       3.1 ? 3 
SAINT    'data reduction' .   ? 4 
SAINT    'data scaling'   .   ? 5 
X-PLOR   phasing          .   ? 6 
# 
_cell.entry_id           337D 
_cell.length_a           43.620 
_cell.length_b           43.620 
_cell.length_c           25.020 
_cell.angle_alpha        90.00 
_cell.angle_beta         90.00 
_cell.angle_gamma        90.00 
_cell.Z_PDB              8 
_cell.pdbx_unique_axis   ? 
# 
_symmetry.entry_id                         337D 
_symmetry.space_group_name_H-M             'P 43 21 2' 
_symmetry.pdbx_full_space_group_name_H-M   ? 
_symmetry.cell_setting                     ? 
_symmetry.Int_Tables_number                96 
# 
_exptl.entry_id          337D 
_exptl.method            'X-RAY DIFFRACTION' 
_exptl.crystals_number   1 
# 
_exptl_crystal.id                    1 
_exptl_crystal.density_meas          ? 
_exptl_crystal.density_Matthews      2.42 
_exptl_crystal.density_percent_sol   49.22 
_exptl_crystal.description           ? 
# 
_exptl_crystal_grow.crystal_id      1 
_exptl_crystal_grow.method          'VAPOR DIFFUSION' 
_exptl_crystal_grow.temp            ? 
_exptl_crystal_grow.temp_details    ? 
_exptl_crystal_grow.pH              7.00 
_exptl_crystal_grow.pdbx_details    'pH 7.00, VAPOR DIFFUSION' 
_exptl_crystal_grow.pdbx_pH_range   ? 
# 
_exptl_crystal_grow_comp.crystal_id   1 
_exptl_crystal_grow_comp.id           1 
_exptl_crystal_grow_comp.sol_id       1 
_exptl_crystal_grow_comp.name         WATER 
_exptl_crystal_grow_comp.volume       ? 
_exptl_crystal_grow_comp.conc         ? 
_exptl_crystal_grow_comp.details      ? 
# 
_diffrn.id                     1 
_diffrn.ambient_temp           298.00 
_diffrn.ambient_temp_details   ? 
_diffrn.crystal_id             1 
# 
_diffrn_detector.diffrn_id              1 
_diffrn_detector.detector               'AREA DETECTOR' 
_diffrn_detector.type                   'SIEMENS HI-STAR' 
_diffrn_detector.pdbx_collection_date   1995-10-07 
_diffrn_detector.details                ? 
# 
_diffrn_radiation.diffrn_id                        1 
_diffrn_radiation.wavelength_id                    1 
_diffrn_radiation.pdbx_monochromatic_or_laue_m_l   M 
_diffrn_radiation.monochromator                    ? 
_diffrn_radiation.pdbx_diffrn_protocol             ? 
_diffrn_radiation.pdbx_scattering_type             x-ray 
# 
_diffrn_radiation_wavelength.id           1 
_diffrn_radiation_wavelength.wavelength   . 
_diffrn_radiation_wavelength.wt           1.0 
# 
_diffrn_source.diffrn_id                   1 
_diffrn_source.source                      ? 
_diffrn_source.type                        ? 
_diffrn_source.pdbx_synchrotron_site       ? 
_diffrn_source.pdbx_synchrotron_beamline   ? 
_diffrn_source.pdbx_wavelength             ? 
_diffrn_source.pdbx_wavelength_list        ? 
# 
_reflns.entry_id                     337D 
_reflns.observed_criterion_sigma_I   3.000 
_reflns.observed_criterion_sigma_F   ? 
_reflns.d_resolution_low             21.700 
_reflns.d_resolution_high            1.850 
_reflns.number_obs                   2156 
_reflns.number_all                   ? 
_reflns.percent_possible_obs         79.800 
_reflns.pdbx_Rmerge_I_obs            0.106 
_reflns.pdbx_Rsym_value              ? 
_reflns.pdbx_netI_over_sigmaI        ? 
_reflns.B_iso_Wilson_estimate        ? 
_reflns.pdbx_redundancy              2.500 
_reflns.pdbx_diffrn_id               1 
_reflns.pdbx_ordinal                 1 
# 
_refine.entry_id                                 337D 
_refine.ls_number_reflns_obs                     1442 
_refine.ls_number_reflns_all                     ? 
_refine.pdbx_ls_sigma_I                          ? 
_refine.pdbx_ls_sigma_F                          3.000 
_refine.pdbx_data_cutoff_high_absF               ? 
_refine.pdbx_data_cutoff_low_absF                ? 
_refine.pdbx_data_cutoff_high_rms_absF           ? 
_refine.ls_d_res_low                             8.000 
_refine.ls_d_res_high                            1.850 
_refine.ls_percent_reflns_obs                    ? 
_refine.ls_R_factor_obs                          0.21 
_refine.ls_R_factor_all                          ? 
_refine.ls_R_factor_R_work                       0.21 
_refine.ls_R_factor_R_free                       ? 
_refine.ls_R_factor_R_free_error                 ? 
_refine.ls_R_factor_R_free_error_details         ? 
_refine.ls_percent_reflns_R_free                 ? 
_refine.ls_number_reflns_R_free                  ? 
_refine.ls_number_parameters                     ? 
_refine.ls_number_restraints                     ? 
_refine.occupancy_min                            ? 
_refine.occupancy_max                            ? 
_refine.B_iso_mean                               20.20 
_refine.aniso_B[1][1]                            ? 
_refine.aniso_B[2][2]                            ? 
_refine.aniso_B[3][3]                            ? 
_refine.aniso_B[1][2]                            ? 
_refine.aniso_B[1][3]                            ? 
_refine.aniso_B[2][3]                            ? 
_refine.solvent_model_details                    ? 
_refine.solvent_model_param_ksol                 ? 
_refine.solvent_model_param_bsol                 ? 
_refine.pdbx_ls_cross_valid_method               ? 
_refine.details                                  ? 
_refine.pdbx_starting_model                      ? 
_refine.pdbx_method_to_determine_struct          'MOLECULAR REPLACEMENT' 
_refine.pdbx_isotropic_thermal_model             ? 
_refine.pdbx_stereochemistry_target_values       ? 
_refine.pdbx_stereochem_target_val_spec_case     ? 
_refine.pdbx_R_Free_selection_details            ? 
_refine.pdbx_overall_ESU_R                       ? 
_refine.pdbx_overall_ESU_R_Free                  ? 
_refine.overall_SU_ML                            ? 
_refine.overall_SU_B                             ? 
_refine.pdbx_refine_id                           'X-RAY DIFFRACTION' 
_refine.pdbx_diffrn_id                           1 
_refine.pdbx_TLS_residual_ADP_flag               ? 
_refine.correlation_coeff_Fo_to_Fc               ? 
_refine.correlation_coeff_Fo_to_Fc_free          ? 
_refine.pdbx_solvent_vdw_probe_radii             ? 
_refine.pdbx_solvent_ion_probe_radii             ? 
_refine.pdbx_solvent_shrinkage_radii             ? 
_refine.pdbx_overall_phase_error                 ? 
_refine.overall_SU_R_Cruickshank_DPI             ? 
_refine.pdbx_overall_SU_R_free_Cruickshank_DPI   ? 
_refine.pdbx_overall_SU_R_Blow_DPI               ? 
_refine.pdbx_overall_SU_R_free_Blow_DPI          ? 
# 
_refine_hist.pdbx_refine_id                   'X-RAY DIFFRACTION' 
_refine_hist.cycle_id                         LAST 
_refine_hist.pdbx_number_atoms_protein        0 
_refine_hist.pdbx_number_atoms_nucleic_acid   161 
_refine_hist.pdbx_number_atoms_ligand         2 
_refine_hist.number_atoms_solvent             20 
_refine_hist.number_atoms_total               183 
_refine_hist.d_res_high                       1.850 
_refine_hist.d_res_low                        8.000 
# 
loop_
_refine_ls_restr.type 
_refine_ls_restr.dev_ideal 
_refine_ls_restr.dev_ideal_target 
_refine_ls_restr.weight 
_refine_ls_restr.number 
_refine_ls_restr.pdbx_refine_id 
_refine_ls_restr.pdbx_restraint_function 
x_bond_d                0.008 ? ? ? 'X-RAY DIFFRACTION' ? 
x_bond_d_na             ?     ? ? ? 'X-RAY DIFFRACTION' ? 
x_bond_d_prot           ?     ? ? ? 'X-RAY DIFFRACTION' ? 
x_angle_d               ?     ? ? ? 'X-RAY DIFFRACTION' ? 
x_angle_d_na            ?     ? ? ? 'X-RAY DIFFRACTION' ? 
x_angle_d_prot          ?     ? ? ? 'X-RAY DIFFRACTION' ? 
x_angle_deg             1.78  ? ? ? 'X-RAY DIFFRACTION' ? 
x_angle_deg_na          ?     ? ? ? 'X-RAY DIFFRACTION' ? 
x_angle_deg_prot        ?     ? ? ? 'X-RAY DIFFRACTION' ? 
x_dihedral_angle_d      ?     ? ? ? 'X-RAY DIFFRACTION' ? 
x_dihedral_angle_d_na   ?     ? ? ? 'X-RAY DIFFRACTION' ? 
x_dihedral_angle_d_prot ?     ? ? ? 'X-RAY DIFFRACTION' ? 
x_improper_angle_d      ?     ? ? ? 'X-RAY DIFFRACTION' ? 
x_improper_angle_d_na   ?     ? ? ? 'X-RAY DIFFRACTION' ? 
x_improper_angle_d_prot ?     ? ? ? 'X-RAY DIFFRACTION' ? 
x_mcbond_it             ?     ? ? ? 'X-RAY DIFFRACTION' ? 
x_mcangle_it            ?     ? ? ? 'X-RAY DIFFRACTION' ? 
x_scbond_it             ?     ? ? ? 'X-RAY DIFFRACTION' ? 
x_scangle_it            ?     ? ? ? 'X-RAY DIFFRACTION' ? 
# 
_pdbx_xplor_file.serial_no        1 
_pdbx_xplor_file.param_file       GCGMGMGC.PAR 
_pdbx_xplor_file.topol_file       GCGMGMGC.TOP 
_pdbx_xplor_file.pdbx_refine_id   'X-RAY DIFFRACTION' 
# 
_struct.entry_id                  337D 
_struct.title                     'STRUCTURAL PARAMETERS FROM SINGLE-CRYSTAL STRUCTURES FOR ACCURATE MODELS OF A-DNA' 
_struct.pdbx_model_details        ? 
_struct.pdbx_CASP_flag            ? 
_struct.pdbx_model_type_details   ? 
# 
_struct_keywords.entry_id        337D 
_struct_keywords.pdbx_keywords   DNA 
_struct_keywords.text            'A-DNA, DOUBLE HELIX, MODIFIED, DNA' 
# 
loop_
_struct_asym.id 
_struct_asym.pdbx_blank_PDB_chainid_flag 
_struct_asym.pdbx_modified 
_struct_asym.entity_id 
_struct_asym.details 
A N N 1 ? 
B N N 2 ? 
# 
_struct_ref.id                         1 
_struct_ref.entity_id                  1 
_struct_ref.db_name                    PDB 
_struct_ref.db_code                    337D 
_struct_ref.pdbx_db_accession          337D 
_struct_ref.pdbx_db_isoform            ? 
_struct_ref.pdbx_seq_one_letter_code   ? 
_struct_ref.pdbx_align_begin           ? 
# 
_struct_ref_seq.align_id                      1 
_struct_ref_seq.ref_id                        1 
_struct_ref_seq.pdbx_PDB_id_code              337D 
_struct_ref_seq.pdbx_strand_id                A 
_struct_ref_seq.seq_align_beg                 1 
_struct_ref_seq.pdbx_seq_align_beg_ins_code   ? 
_struct_ref_seq.seq_align_end                 8 
_struct_ref_seq.pdbx_seq_align_end_ins_code   ? 
_struct_ref_seq.pdbx_db_accession             337D 
_struct_ref_seq.db_align_beg                  1 
_struct_ref_seq.pdbx_db_align_beg_ins_code    ? 
_struct_ref_seq.db_align_end                  8 
_struct_ref_seq.pdbx_db_align_end_ins_code    ? 
_struct_ref_seq.pdbx_auth_seq_align_beg       1 
_struct_ref_seq.pdbx_auth_seq_align_end       8 
# 
_pdbx_struct_assembly.id                   1 
_pdbx_struct_assembly.details              author_defined_assembly 
_pdbx_struct_assembly.method_details       ? 
_pdbx_struct_assembly.oligomeric_details   dimeric 
_pdbx_struct_assembly.oligomeric_count     2 
# 
_pdbx_struct_assembly_gen.assembly_id       1 
_pdbx_struct_assembly_gen.oper_expression   1,2 
_pdbx_struct_assembly_gen.asym_id_list      A,B 
# 
loop_
_pdbx_struct_oper_list.id 
_pdbx_struct_oper_list.type 
_pdbx_struct_oper_list.name 
_pdbx_struct_oper_list.symmetry_operation 
_pdbx_struct_oper_list.matrix[1][1] 
_pdbx_struct_oper_list.matrix[1][2] 
_pdbx_struct_oper_list.matrix[1][3] 
_pdbx_struct_oper_list.vector[1] 
_pdbx_struct_oper_list.matrix[2][1] 
_pdbx_struct_oper_list.matrix[2][2] 
_pdbx_struct_oper_list.matrix[2][3] 
_pdbx_struct_oper_list.vector[2] 
_pdbx_struct_oper_list.matrix[3][1] 
_pdbx_struct_oper_list.matrix[3][2] 
_pdbx_struct_oper_list.matrix[3][3] 
_pdbx_struct_oper_list.vector[3] 
1 'identity operation'         1_555 x,y,z    1.0000000000  0.0000000000  0.0000000000  0.0000000000 0.0000000000  1.0000000000  0.0000000000 0.0000000000  0.0000000000  0.0000000000 1.0000000000 0.0000000000 
2 'crystal symmetry operation' 7_556 y,x,-z+1 -0.9456685077 -0.1164338262 -0.3035691647 5.1257465666 -0.1164338262 -0.7504792284 0.6505567553 -1.0324231988 -0.3035691647 0.6505567553 0.6961477360 1.3133693737 
# 
_struct_biol.id   1 
# 
loop_
_struct_conn.id 
_struct_conn.conn_type_id 
_struct_conn.pdbx_leaving_atom_flag 
_struct_conn.pdbx_PDB_id 
_struct_conn.ptnr1_label_asym_id 
_struct_conn.ptnr1_label_comp_id 
_struct_conn.ptnr1_label_seq_id 
_struct_conn.ptnr1_label_atom_id 
_struct_conn.pdbx_ptnr1_label_alt_id 
_struct_conn.pdbx_ptnr1_PDB_ins_code 
_struct_conn.pdbx_ptnr1_standard_comp_id 
_struct_conn.ptnr1_symmetry 
_struct_conn.ptnr2_label_asym_id 
_struct_conn.ptnr2_label_comp_id 
_struct_conn.ptnr2_label_seq_id 
_struct_conn.ptnr2_label_atom_id 
_struct_conn.pdbx_ptnr2_label_alt_id 
_struct_conn.pdbx_ptnr2_PDB_ins_code 
_struct_conn.ptnr1_auth_asym_id 
_struct_conn.ptnr1_auth_comp_id 
_struct_conn.ptnr1_auth_seq_id 
_struct_conn.ptnr2_auth_asym_id 
_struct_conn.ptnr2_auth_comp_id 
_struct_conn.ptnr2_auth_seq_id 
_struct_conn.ptnr2_symmetry 
_struct_conn.pdbx_ptnr3_label_atom_id 
_struct_conn.pdbx_ptnr3_label_seq_id 
_struct_conn.pdbx_ptnr3_label_comp_id 
_struct_conn.pdbx_ptnr3_label_asym_id 
_struct_conn.pdbx_ptnr3_label_alt_id 
_struct_conn.pdbx_ptnr3_PDB_ins_code 
_struct_conn.details 
_struct_conn.pdbx_dist_value 
_struct_conn.pdbx_value_order 
_struct_conn.pdbx_role 
covale1  covale both ? A DG  3 "O3'" ? ? ? 1_555 A 5CM 4 P  ? ? A DG  3 A 5CM 4 1_555 ? ? ? ? ? ? ?            1.601 ? ? 
covale2  covale both ? A 5CM 4 "O3'" ? ? ? 1_555 A DG  5 P  ? ? A 5CM 4 A DG  5 1_555 ? ? ? ? ? ? ?            1.594 ? ? 
covale3  covale both ? A DG  5 "O3'" ? ? ? 1_555 A 5CM 6 P  ? ? A DG  5 A 5CM 6 1_555 ? ? ? ? ? ? ?            1.609 ? ? 
covale4  covale both ? A 5CM 6 "O3'" ? ? ? 1_555 A DG  7 P  ? ? A 5CM 6 A DG  7 1_555 ? ? ? ? ? ? ?            1.615 ? ? 
hydrog1  hydrog ?    ? A DG  1 N1    ? ? ? 1_555 A DC  8 N3 ? ? A DG  1 A DC  8 7_556 ? ? ? ? ? ? WATSON-CRICK ?     ? ? 
hydrog2  hydrog ?    ? A DG  1 N2    ? ? ? 1_555 A DC  8 O2 ? ? A DG  1 A DC  8 7_556 ? ? ? ? ? ? WATSON-CRICK ?     ? ? 
hydrog3  hydrog ?    ? A DG  1 O6    ? ? ? 1_555 A DC  8 N4 ? ? A DG  1 A DC  8 7_556 ? ? ? ? ? ? WATSON-CRICK ?     ? ? 
hydrog4  hydrog ?    ? A DC  2 N3    ? ? ? 1_555 A DG  7 N1 ? ? A DC  2 A DG  7 7_556 ? ? ? ? ? ? WATSON-CRICK ?     ? ? 
hydrog5  hydrog ?    ? A DC  2 N4    ? ? ? 1_555 A DG  7 O6 ? ? A DC  2 A DG  7 7_556 ? ? ? ? ? ? WATSON-CRICK ?     ? ? 
hydrog6  hydrog ?    ? A DC  2 O2    ? ? ? 1_555 A DG  7 N2 ? ? A DC  2 A DG  7 7_556 ? ? ? ? ? ? WATSON-CRICK ?     ? ? 
hydrog7  hydrog ?    ? A DG  3 N1    ? ? ? 1_555 A 5CM 6 N3 ? ? A DG  3 A 5CM 6 7_556 ? ? ? ? ? ? WATSON-CRICK ?     ? ? 
hydrog8  hydrog ?    ? A DG  3 N2    ? ? ? 1_555 A 5CM 6 O2 ? ? A DG  3 A 5CM 6 7_556 ? ? ? ? ? ? WATSON-CRICK ?     ? ? 
hydrog9  hydrog ?    ? A DG  3 O6    ? ? ? 1_555 A 5CM 6 N4 ? ? A DG  3 A 5CM 6 7_556 ? ? ? ? ? ? WATSON-CRICK ?     ? ? 
hydrog10 hydrog ?    ? A 5CM 4 N3    ? ? ? 1_555 A DG  5 N1 ? ? A 5CM 4 A DG  5 7_556 ? ? ? ? ? ? WATSON-CRICK ?     ? ? 
hydrog11 hydrog ?    ? A 5CM 4 N4    ? ? ? 1_555 A DG  5 O6 ? ? A 5CM 4 A DG  5 7_556 ? ? ? ? ? ? WATSON-CRICK ?     ? ? 
hydrog12 hydrog ?    ? A 5CM 4 O2    ? ? ? 1_555 A DG  5 N2 ? ? A 5CM 4 A DG  5 7_556 ? ? ? ? ? ? WATSON-CRICK ?     ? ? 
hydrog13 hydrog ?    ? A DG  5 N1    ? ? ? 1_555 A 5CM 4 N3 ? ? A DG  5 A 5CM 4 7_556 ? ? ? ? ? ? WATSON-CRICK ?     ? ? 
hydrog14 hydrog ?    ? A DG  5 N2    ? ? ? 1_555 A 5CM 4 O2 ? ? A DG  5 A 5CM 4 7_556 ? ? ? ? ? ? WATSON-CRICK ?     ? ? 
hydrog15 hydrog ?    ? A DG  5 O6    ? ? ? 1_555 A 5CM 4 N4 ? ? A DG  5 A 5CM 4 7_556 ? ? ? ? ? ? WATSON-CRICK ?     ? ? 
hydrog16 hydrog ?    ? A 5CM 6 N3    ? ? ? 1_555 A DG  3 N1 ? ? A 5CM 6 A DG  3 7_556 ? ? ? ? ? ? WATSON-CRICK ?     ? ? 
hydrog17 hydrog ?    ? A 5CM 6 N4    ? ? ? 1_555 A DG  3 O6 ? ? A 5CM 6 A DG  3 7_556 ? ? ? ? ? ? WATSON-CRICK ?     ? ? 
hydrog18 hydrog ?    ? A 5CM 6 O2    ? ? ? 1_555 A DG  3 N2 ? ? A 5CM 6 A DG  3 7_556 ? ? ? ? ? ? WATSON-CRICK ?     ? ? 
hydrog19 hydrog ?    ? A DG  7 N1    ? ? ? 1_555 A DC  2 N3 ? ? A DG  7 A DC  2 7_556 ? ? ? ? ? ? WATSON-CRICK ?     ? ? 
hydrog20 hydrog ?    ? A DG  7 N2    ? ? ? 1_555 A DC  2 O2 ? ? A DG  7 A DC  2 7_556 ? ? ? ? ? ? WATSON-CRICK ?     ? ? 
hydrog21 hydrog ?    ? A DG  7 O6    ? ? ? 1_555 A DC  2 N4 ? ? A DG  7 A DC  2 7_556 ? ? ? ? ? ? WATSON-CRICK ?     ? ? 
hydrog22 hydrog ?    ? A DC  8 N3    ? ? ? 1_555 A DG  1 N1 ? ? A DC  8 A DG  1 7_556 ? ? ? ? ? ? WATSON-CRICK ?     ? ? 
hydrog23 hydrog ?    ? A DC  8 N4    ? ? ? 1_555 A DG  1 O6 ? ? A DC  8 A DG  1 7_556 ? ? ? ? ? ? WATSON-CRICK ?     ? ? 
hydrog24 hydrog ?    ? A DC  8 O2    ? ? ? 1_555 A DG  1 N2 ? ? A DC  8 A DG  1 7_556 ? ? ? ? ? ? WATSON-CRICK ?     ? ? 
# 
loop_
_struct_conn_type.id 
_struct_conn_type.criteria 
_struct_conn_type.reference 
covale ? ? 
hydrog ? ? 
# 
loop_
_pdbx_struct_mod_residue.id 
_pdbx_struct_mod_residue.label_asym_id 
_pdbx_struct_mod_residue.label_comp_id 
_pdbx_struct_mod_residue.label_seq_id 
_pdbx_struct_mod_residue.auth_asym_id 
_pdbx_struct_mod_residue.auth_comp_id 
_pdbx_struct_mod_residue.auth_seq_id 
_pdbx_struct_mod_residue.PDB_ins_code 
_pdbx_struct_mod_residue.parent_comp_id 
_pdbx_struct_mod_residue.details 
1 A 5CM 4 A 5CM 4 ? DC ? 
2 A 5CM 6 A 5CM 6 ? DC ? 
# 
loop_
_chem_comp_atom.comp_id 
_chem_comp_atom.atom_id 
_chem_comp_atom.type_symbol 
_chem_comp_atom.pdbx_aromatic_flag 
_chem_comp_atom.pdbx_stereo_config 
_chem_comp_atom.pdbx_ordinal 
5CM N1     N N N 1   
5CM C2     C N N 2   
5CM N3     N N N 3   
5CM C4     C N N 4   
5CM C5     C N N 5   
5CM C5A    C N N 6   
5CM C6     C N N 7   
5CM O2     O N N 8   
5CM N4     N N N 9   
5CM "C1'"  C N R 10  
5CM "C2'"  C N N 11  
5CM "C3'"  C N S 12  
5CM "C4'"  C N R 13  
5CM "O4'"  O N N 14  
5CM "O3'"  O N N 15  
5CM "C5'"  C N N 16  
5CM "O5'"  O N N 17  
5CM P      P N N 18  
5CM OP1    O N N 19  
5CM OP2    O N N 20  
5CM OP3    O N N 21  
5CM H5A1   H N N 22  
5CM H5A2   H N N 23  
5CM H5A3   H N N 24  
5CM H6     H N N 25  
5CM HN41   H N N 26  
5CM HN42   H N N 27  
5CM "H1'"  H N N 28  
5CM "H2'"  H N N 29  
5CM "H2''" H N N 30  
5CM "H3'"  H N N 31  
5CM "H4'"  H N N 32  
5CM "HO3'" H N N 33  
5CM "H5'"  H N N 34  
5CM "H5''" H N N 35  
5CM HOP2   H N N 36  
5CM HOP3   H N N 37  
DC  OP3    O N N 38  
DC  P      P N N 39  
DC  OP1    O N N 40  
DC  OP2    O N N 41  
DC  "O5'"  O N N 42  
DC  "C5'"  C N N 43  
DC  "C4'"  C N R 44  
DC  "O4'"  O N N 45  
DC  "C3'"  C N S 46  
DC  "O3'"  O N N 47  
DC  "C2'"  C N N 48  
DC  "C1'"  C N R 49  
DC  N1     N N N 50  
DC  C2     C N N 51  
DC  O2     O N N 52  
DC  N3     N N N 53  
DC  C4     C N N 54  
DC  N4     N N N 55  
DC  C5     C N N 56  
DC  C6     C N N 57  
DC  HOP3   H N N 58  
DC  HOP2   H N N 59  
DC  "H5'"  H N N 60  
DC  "H5''" H N N 61  
DC  "H4'"  H N N 62  
DC  "H3'"  H N N 63  
DC  "HO3'" H N N 64  
DC  "H2'"  H N N 65  
DC  "H2''" H N N 66  
DC  "H1'"  H N N 67  
DC  H41    H N N 68  
DC  H42    H N N 69  
DC  H5     H N N 70  
DC  H6     H N N 71  
DG  OP3    O N N 72  
DG  P      P N N 73  
DG  OP1    O N N 74  
DG  OP2    O N N 75  
DG  "O5'"  O N N 76  
DG  "C5'"  C N N 77  
DG  "C4'"  C N R 78  
DG  "O4'"  O N N 79  
DG  "C3'"  C N S 80  
DG  "O3'"  O N N 81  
DG  "C2'"  C N N 82  
DG  "C1'"  C N R 83  
DG  N9     N Y N 84  
DG  C8     C Y N 85  
DG  N7     N Y N 86  
DG  C5     C Y N 87  
DG  C6     C N N 88  
DG  O6     O N N 89  
DG  N1     N N N 90  
DG  C2     C N N 91  
DG  N2     N N N 92  
DG  N3     N N N 93  
DG  C4     C Y N 94  
DG  HOP3   H N N 95  
DG  HOP2   H N N 96  
DG  "H5'"  H N N 97  
DG  "H5''" H N N 98  
DG  "H4'"  H N N 99  
DG  "H3'"  H N N 100 
DG  "HO3'" H N N 101 
DG  "H2'"  H N N 102 
DG  "H2''" H N N 103 
DG  "H1'"  H N N 104 
DG  H8     H N N 105 
DG  H1     H N N 106 
DG  H21    H N N 107 
DG  H22    H N N 108 
HOH O      O N N 109 
HOH H1     H N N 110 
HOH H2     H N N 111 
# 
loop_
_chem_comp_bond.comp_id 
_chem_comp_bond.atom_id_1 
_chem_comp_bond.atom_id_2 
_chem_comp_bond.value_order 
_chem_comp_bond.pdbx_aromatic_flag 
_chem_comp_bond.pdbx_stereo_config 
_chem_comp_bond.pdbx_ordinal 
5CM N1    C2     sing N N 1   
5CM N1    C6     sing N N 2   
5CM N1    "C1'"  sing N N 3   
5CM C2    N3     sing N N 4   
5CM C2    O2     doub N N 5   
5CM N3    C4     doub N N 6   
5CM C4    C5     sing N N 7   
5CM C4    N4     sing N N 8   
5CM C5    C5A    sing N N 9   
5CM C5    C6     doub N N 10  
5CM C5A   H5A1   sing N N 11  
5CM C5A   H5A2   sing N N 12  
5CM C5A   H5A3   sing N N 13  
5CM C6    H6     sing N N 14  
5CM N4    HN41   sing N N 15  
5CM N4    HN42   sing N N 16  
5CM "C1'" "C2'"  sing N N 17  
5CM "C1'" "O4'"  sing N N 18  
5CM "C1'" "H1'"  sing N N 19  
5CM "C2'" "C3'"  sing N N 20  
5CM "C2'" "H2'"  sing N N 21  
5CM "C2'" "H2''" sing N N 22  
5CM "C3'" "C4'"  sing N N 23  
5CM "C3'" "O3'"  sing N N 24  
5CM "C3'" "H3'"  sing N N 25  
5CM "C4'" "O4'"  sing N N 26  
5CM "C4'" "C5'"  sing N N 27  
5CM "C4'" "H4'"  sing N N 28  
5CM "O3'" "HO3'" sing N N 29  
5CM "C5'" "O5'"  sing N N 30  
5CM "C5'" "H5'"  sing N N 31  
5CM "C5'" "H5''" sing N N 32  
5CM "O5'" P      sing N N 33  
5CM P     OP1    doub N N 34  
5CM P     OP2    sing N N 35  
5CM P     OP3    sing N N 36  
5CM OP2   HOP2   sing N N 37  
5CM OP3   HOP3   sing N N 38  
DC  OP3   P      sing N N 39  
DC  OP3   HOP3   sing N N 40  
DC  P     OP1    doub N N 41  
DC  P     OP2    sing N N 42  
DC  P     "O5'"  sing N N 43  
DC  OP2   HOP2   sing N N 44  
DC  "O5'" "C5'"  sing N N 45  
DC  "C5'" "C4'"  sing N N 46  
DC  "C5'" "H5'"  sing N N 47  
DC  "C5'" "H5''" sing N N 48  
DC  "C4'" "O4'"  sing N N 49  
DC  "C4'" "C3'"  sing N N 50  
DC  "C4'" "H4'"  sing N N 51  
DC  "O4'" "C1'"  sing N N 52  
DC  "C3'" "O3'"  sing N N 53  
DC  "C3'" "C2'"  sing N N 54  
DC  "C3'" "H3'"  sing N N 55  
DC  "O3'" "HO3'" sing N N 56  
DC  "C2'" "C1'"  sing N N 57  
DC  "C2'" "H2'"  sing N N 58  
DC  "C2'" "H2''" sing N N 59  
DC  "C1'" N1     sing N N 60  
DC  "C1'" "H1'"  sing N N 61  
DC  N1    C2     sing N N 62  
DC  N1    C6     sing N N 63  
DC  C2    O2     doub N N 64  
DC  C2    N3     sing N N 65  
DC  N3    C4     doub N N 66  
DC  C4    N4     sing N N 67  
DC  C4    C5     sing N N 68  
DC  N4    H41    sing N N 69  
DC  N4    H42    sing N N 70  
DC  C5    C6     doub N N 71  
DC  C5    H5     sing N N 72  
DC  C6    H6     sing N N 73  
DG  OP3   P      sing N N 74  
DG  OP3   HOP3   sing N N 75  
DG  P     OP1    doub N N 76  
DG  P     OP2    sing N N 77  
DG  P     "O5'"  sing N N 78  
DG  OP2   HOP2   sing N N 79  
DG  "O5'" "C5'"  sing N N 80  
DG  "C5'" "C4'"  sing N N 81  
DG  "C5'" "H5'"  sing N N 82  
DG  "C5'" "H5''" sing N N 83  
DG  "C4'" "O4'"  sing N N 84  
DG  "C4'" "C3'"  sing N N 85  
DG  "C4'" "H4'"  sing N N 86  
DG  "O4'" "C1'"  sing N N 87  
DG  "C3'" "O3'"  sing N N 88  
DG  "C3'" "C2'"  sing N N 89  
DG  "C3'" "H3'"  sing N N 90  
DG  "O3'" "HO3'" sing N N 91  
DG  "C2'" "C1'"  sing N N 92  
DG  "C2'" "H2'"  sing N N 93  
DG  "C2'" "H2''" sing N N 94  
DG  "C1'" N9     sing N N 95  
DG  "C1'" "H1'"  sing N N 96  
DG  N9    C8     sing Y N 97  
DG  N9    C4     sing Y N 98  
DG  C8    N7     doub Y N 99  
DG  C8    H8     sing N N 100 
DG  N7    C5     sing Y N 101 
DG  C5    C6     sing N N 102 
DG  C5    C4     doub Y N 103 
DG  C6    O6     doub N N 104 
DG  C6    N1     sing N N 105 
DG  N1    C2     sing N N 106 
DG  N1    H1     sing N N 107 
DG  C2    N2     sing N N 108 
DG  C2    N3     doub N N 109 
DG  N2    H21    sing N N 110 
DG  N2    H22    sing N N 111 
DG  N3    C4     sing N N 112 
HOH O     H1     sing N N 113 
HOH O     H2     sing N N 114 
# 
_ndb_struct_conf_na.entry_id   337D 
_ndb_struct_conf_na.feature    'a-form double helix' 
# 
loop_
_ndb_struct_na_base_pair.model_number 
_ndb_struct_na_base_pair.i_label_asym_id 
_ndb_struct_na_base_pair.i_label_comp_id 
_ndb_struct_na_base_pair.i_label_seq_id 
_ndb_struct_na_base_pair.i_symmetry 
_ndb_struct_na_base_pair.j_label_asym_id 
_ndb_struct_na_base_pair.j_label_comp_id 
_ndb_struct_na_base_pair.j_label_seq_id 
_ndb_struct_na_base_pair.j_symmetry 
_ndb_struct_na_base_pair.shear 
_ndb_struct_na_base_pair.stretch 
_ndb_struct_na_base_pair.stagger 
_ndb_struct_na_base_pair.buckle 
_ndb_struct_na_base_pair.propeller 
_ndb_struct_na_base_pair.opening 
_ndb_struct_na_base_pair.pair_number 
_ndb_struct_na_base_pair.pair_name 
_ndb_struct_na_base_pair.i_auth_asym_id 
_ndb_struct_na_base_pair.i_auth_seq_id 
_ndb_struct_na_base_pair.i_PDB_ins_code 
_ndb_struct_na_base_pair.j_auth_asym_id 
_ndb_struct_na_base_pair.j_auth_seq_id 
_ndb_struct_na_base_pair.j_PDB_ins_code 
_ndb_struct_na_base_pair.hbond_type_28 
_ndb_struct_na_base_pair.hbond_type_12 
1 A DG  1 1_555 A DC  8 7_556 -0.409 -0.337 -0.037 1.060  -9.204  -0.484 1 A_DG1:DC8_A  A 1 ? A 8 ? 19 1 
1 A DC  2 1_555 A DG  7 7_556 -0.126 -0.060 0.372  -5.695 -9.282  1.588  2 A_DC2:DG7_A  A 2 ? A 7 ? 19 1 
1 A DG  3 1_555 A 5CM 6 7_556 -0.345 -0.145 -0.201 -9.502 -12.474 2.330  3 A_DG3:5CM6_A A 3 ? A 6 ? 19 1 
1 A 5CM 4 1_555 A DG  5 7_556 0.383  -0.136 -0.052 0.177  -5.861  3.464  4 A_5CM4:DG5_A A 4 ? A 5 ? 19 1 
1 A DG  5 1_555 A 5CM 4 7_556 -0.383 -0.136 -0.052 -0.177 -5.861  3.464  5 A_DG5:5CM4_A A 5 ? A 4 ? 19 1 
1 A 5CM 6 1_555 A DG  3 7_556 0.345  -0.145 -0.201 9.502  -12.474 2.330  6 A_5CM6:DG3_A A 6 ? A 3 ? 19 1 
1 A DG  7 1_555 A DC  2 7_556 0.126  -0.060 0.372  5.695  -9.282  1.588  7 A_DG7:DC2_A  A 7 ? A 2 ? 19 1 
1 A DC  8 1_555 A DG  1 7_556 0.409  -0.337 -0.037 -1.060 -9.204  -0.484 8 A_DC8:DG1_A  A 8 ? A 1 ? 19 1 
# 
loop_
_ndb_struct_na_base_pair_step.model_number 
_ndb_struct_na_base_pair_step.i_label_asym_id_1 
_ndb_struct_na_base_pair_step.i_label_comp_id_1 
_ndb_struct_na_base_pair_step.i_label_seq_id_1 
_ndb_struct_na_base_pair_step.i_symmetry_1 
_ndb_struct_na_base_pair_step.j_label_asym_id_1 
_ndb_struct_na_base_pair_step.j_label_comp_id_1 
_ndb_struct_na_base_pair_step.j_label_seq_id_1 
_ndb_struct_na_base_pair_step.j_symmetry_1 
_ndb_struct_na_base_pair_step.i_label_asym_id_2 
_ndb_struct_na_base_pair_step.i_label_comp_id_2 
_ndb_struct_na_base_pair_step.i_label_seq_id_2 
_ndb_struct_na_base_pair_step.i_symmetry_2 
_ndb_struct_na_base_pair_step.j_label_asym_id_2 
_ndb_struct_na_base_pair_step.j_label_comp_id_2 
_ndb_struct_na_base_pair_step.j_label_seq_id_2 
_ndb_struct_na_base_pair_step.j_symmetry_2 
_ndb_struct_na_base_pair_step.shift 
_ndb_struct_na_base_pair_step.slide 
_ndb_struct_na_base_pair_step.rise 
_ndb_struct_na_base_pair_step.tilt 
_ndb_struct_na_base_pair_step.roll 
_ndb_struct_na_base_pair_step.twist 
_ndb_struct_na_base_pair_step.x_displacement 
_ndb_struct_na_base_pair_step.y_displacement 
_ndb_struct_na_base_pair_step.helical_rise 
_ndb_struct_na_base_pair_step.inclination 
_ndb_struct_na_base_pair_step.tip 
_ndb_struct_na_base_pair_step.helical_twist 
_ndb_struct_na_base_pair_step.step_number 
_ndb_struct_na_base_pair_step.step_name 
_ndb_struct_na_base_pair_step.i_auth_asym_id_1 
_ndb_struct_na_base_pair_step.i_auth_seq_id_1 
_ndb_struct_na_base_pair_step.i_PDB_ins_code_1 
_ndb_struct_na_base_pair_step.j_auth_asym_id_1 
_ndb_struct_na_base_pair_step.j_auth_seq_id_1 
_ndb_struct_na_base_pair_step.j_PDB_ins_code_1 
_ndb_struct_na_base_pair_step.i_auth_asym_id_2 
_ndb_struct_na_base_pair_step.i_auth_seq_id_2 
_ndb_struct_na_base_pair_step.i_PDB_ins_code_2 
_ndb_struct_na_base_pair_step.j_auth_asym_id_2 
_ndb_struct_na_base_pair_step.j_auth_seq_id_2 
_ndb_struct_na_base_pair_step.j_PDB_ins_code_2 
1 A DG  1 1_555 A DC  8 7_556 A DC  2 1_555 A DG  7 7_556 0.139  -1.268 3.548 -5.760 5.783  32.404 -3.213 -1.244 3.209 10.162 
10.122  33.390 1 AA_DG1DC2:DG7DC8_AA   A 1 ? A 8 ? A 2 ? A 7 ? 
1 A DC  2 1_555 A DG  7 7_556 A DG  3 1_555 A 5CM 6 7_556 -0.173 -1.816 3.373 1.925  8.477  30.564 -4.809 0.654  2.767 15.687 
-3.563  31.748 2 AA_DC2DG3:5CM6DG7_AA  A 2 ? A 7 ? A 3 ? A 6 ? 
1 A DG  3 1_555 A 5CM 6 7_556 A 5CM 4 1_555 A DG  5 7_556 0.071  -1.533 3.188 0.424  -1.316 40.162 -2.085 -0.057 3.235 -1.915 
-0.617  40.185 3 AA_DG35CM4:DG55CM6_AA A 3 ? A 6 ? A 4 ? A 5 ? 
1 A 5CM 4 1_555 A DG  5 7_556 A DG  5 1_555 A 5CM 4 7_556 0.000  -1.978 3.478 0.000  3.910  16.536 -9.209 0.000  2.934 13.352 
0.000   16.989 4 AA_5CM4DG5:5CM4DG5_AA A 4 ? A 5 ? A 5 ? A 4 ? 
1 A DG  5 1_555 A 5CM 4 7_556 A 5CM 6 1_555 A DG  3 7_556 -0.071 -1.533 3.188 -0.424 -1.316 40.162 -2.085 0.057  3.235 -1.915 
0.617   40.185 5 AA_DG55CM6:DG35CM4_AA A 5 ? A 4 ? A 6 ? A 3 ? 
1 A 5CM 6 1_555 A DG  3 7_556 A DG  7 1_555 A DC  2 7_556 0.173  -1.816 3.373 -1.925 8.477  30.564 -4.809 -0.654 2.767 15.687 
3.563   31.748 6 AA_5CM6DG7:DC2DG3_AA  A 6 ? A 3 ? A 7 ? A 2 ? 
1 A DG  7 1_555 A DC  2 7_556 A DC  8 1_555 A DG  1 7_556 -0.139 -1.268 3.548 5.760  5.782  32.404 -3.213 1.244  3.209 10.162 
-10.122 33.390 7 AA_DG7DC8:DG1DC2_AA   A 7 ? A 2 ? A 8 ? A 1 ? 
# 
_atom_sites.entry_id                    337D 
_atom_sites.fract_transf_matrix[1][1]   -0.00427581 
_atom_sites.fract_transf_matrix[1][2]   -0.00942920 
_atom_sites.fract_transf_matrix[1][3]   0.02045393 
_atom_sites.fract_transf_matrix[2][1]   -0.00106780 
_atom_sites.fract_transf_matrix[2][2]   0.02088071 
_atom_sites.fract_transf_matrix[2][3]   0.00940273 
_atom_sites.fract_transf_matrix[3][1]   -0.03922251 
_atom_sites.fract_transf_matrix[3][2]   0.00139653 
_atom_sites.fract_transf_matrix[3][3]   -0.00755551 
_atom_sites.fract_transf_vector[1]      0.766290 
_atom_sites.fract_transf_vector[2]      0.780972 
_atom_sites.fract_transf_vector[3]      0.606204 
# 
loop_
_atom_type.symbol 
C 
N 
O 
P 
# 
loop_
_atom_site.group_PDB 
_atom_site.id 
_atom_site.type_symbol 
_atom_site.label_atom_id 
_atom_site.label_alt_id 
_atom_site.label_comp_id 
_atom_site.label_asym_id 
_atom_site.label_entity_id 
_atom_site.label_seq_id 
_atom_site.pdbx_PDB_ins_code 
_atom_site.Cartn_x 
_atom_site.Cartn_y 
_atom_site.Cartn_z 
_atom_site.occupancy 
_atom_site.B_iso_or_equiv 
_atom_site.pdbx_formal_charge 
_atom_site.auth_seq_id 
_atom_site.auth_comp_id 
_atom_site.auth_asym_id 
_atom_site.auth_atom_id 
_atom_site.pdbx_PDB_model_num 
ATOM   1   O "O5'" . DG  A 1 1 ? 6.768  9.622   8.520  1.00 23.12 ? 1  DG  A "O5'" 1 
ATOM   2   C "C5'" . DG  A 1 1 ? 6.570  10.877  9.180  1.00 19.54 ? 1  DG  A "C5'" 1 
ATOM   3   C "C4'" . DG  A 1 1 ? 6.014  11.946  8.265  1.00 17.44 ? 1  DG  A "C4'" 1 
ATOM   4   O "O4'" . DG  A 1 1 ? 6.957  12.416  7.271  1.00 17.38 ? 1  DG  A "O4'" 1 
ATOM   5   C "C3'" . DG  A 1 1 ? 4.852  11.387  7.471  1.00 15.36 ? 1  DG  A "C3'" 1 
ATOM   6   O "O3'" . DG  A 1 1 ? 3.688  11.474  8.269  1.00 15.43 ? 1  DG  A "O3'" 1 
ATOM   7   C "C2'" . DG  A 1 1 ? 4.825  12.305  6.268  1.00 12.47 ? 1  DG  A "C2'" 1 
ATOM   8   C "C1'" . DG  A 1 1 ? 6.314  12.503  6.004  1.00 17.38 ? 1  DG  A "C1'" 1 
ATOM   9   N N9    . DG  A 1 1 ? 6.952  11.524  5.122  1.00 23.11 ? 1  DG  A N9    1 
ATOM   10  C C8    . DG  A 1 1 ? 7.694  10.432  5.522  1.00 21.64 ? 1  DG  A C8    1 
ATOM   11  N N7    . DG  A 1 1 ? 8.172  9.739   4.528  1.00 19.27 ? 1  DG  A N7    1 
ATOM   12  C C5    . DG  A 1 1 ? 7.719  10.408  3.395  1.00 24.19 ? 1  DG  A C5    1 
ATOM   13  C C6    . DG  A 1 1 ? 8.020  10.190  2.019  1.00 24.21 ? 1  DG  A C6    1 
ATOM   14  O O6    . DG  A 1 1 ? 8.642  9.255   1.495  1.00 24.98 ? 1  DG  A O6    1 
ATOM   15  N N1    . DG  A 1 1 ? 7.489  11.187  1.217  1.00 25.24 ? 1  DG  A N1    1 
ATOM   16  C C2    . DG  A 1 1 ? 6.730  12.235  1.661  1.00 25.41 ? 1  DG  A C2    1 
ATOM   17  N N2    . DG  A 1 1 ? 6.277  13.062  0.704  1.00 23.72 ? 1  DG  A N2    1 
ATOM   18  N N3    . DG  A 1 1 ? 6.432  12.451  2.932  1.00 24.37 ? 1  DG  A N3    1 
ATOM   19  C C4    . DG  A 1 1 ? 6.959  11.507  3.741  1.00 22.16 ? 1  DG  A C4    1 
ATOM   20  P P     . DC  A 1 2 ? 2.377  10.720  7.789  1.00 21.55 ? 2  DC  A P     1 
ATOM   21  O OP1   . DC  A 1 2 ? 1.182  11.059  8.584  1.00 17.87 ? 2  DC  A OP1   1 
ATOM   22  O OP2   . DC  A 1 2 ? 2.869  9.324   7.745  1.00 20.72 ? 2  DC  A OP2   1 
ATOM   23  O "O5'" . DC  A 1 2 ? 2.218  11.262  6.301  1.00 22.14 ? 2  DC  A "O5'" 1 
ATOM   24  C "C5'" . DC  A 1 2 ? 0.993  11.821  5.833  1.00 22.68 ? 2  DC  A "C5'" 1 
ATOM   25  C "C4'" . DC  A 1 2 ? 1.100  12.167  4.363  1.00 21.27 ? 2  DC  A "C4'" 1 
ATOM   26  O "O4'" . DC  A 1 2 ? 2.464  12.326  3.942  1.00 20.51 ? 2  DC  A "O4'" 1 
ATOM   27  C "C3'" . DC  A 1 2 ? 0.525  11.124  3.418  1.00 23.36 ? 2  DC  A "C3'" 1 
ATOM   28  O "O3'" . DC  A 1 2 ? -0.876 11.332  3.267  1.00 30.52 ? 2  DC  A "O3'" 1 
ATOM   29  C "C2'" . DC  A 1 2 ? 1.189  11.510  2.115  1.00 18.40 ? 2  DC  A "C2'" 1 
ATOM   30  C "C1'" . DC  A 1 2 ? 2.584  11.838  2.605  1.00 20.46 ? 2  DC  A "C1'" 1 
ATOM   31  N N1    . DC  A 1 2 ? 3.440  10.648  2.606  1.00 20.69 ? 2  DC  A N1    1 
ATOM   32  C C2    . DC  A 1 2 ? 3.731  10.103  1.373  1.00 21.34 ? 2  DC  A C2    1 
ATOM   33  O O2    . DC  A 1 2 ? 3.248  10.652  0.368  1.00 24.63 ? 2  DC  A O2    1 
ATOM   34  N N3    . DC  A 1 2 ? 4.529  9.018   1.294  1.00 19.67 ? 2  DC  A N3    1 
ATOM   35  C C4    . DC  A 1 2 ? 5.039  8.489   2.401  1.00 21.53 ? 2  DC  A C4    1 
ATOM   36  N N4    . DC  A 1 2 ? 5.835  7.429   2.271  1.00 22.53 ? 2  DC  A N4    1 
ATOM   37  C C5    . DC  A 1 2 ? 4.756  9.026   3.690  1.00 20.78 ? 2  DC  A C5    1 
ATOM   38  C C6    . DC  A 1 2 ? 3.948  10.095  3.745  1.00 20.01 ? 2  DC  A C6    1 
ATOM   39  P P     . DG  A 1 3 ? -1.850 10.066  3.260  1.00 35.36 ? 3  DG  A P     1 
ATOM   40  O OP1   . DG  A 1 3 ? -3.252 10.548  3.449  1.00 37.08 ? 3  DG  A OP1   1 
ATOM   41  O OP2   . DG  A 1 3 ? -1.234 9.140   4.246  1.00 36.12 ? 3  DG  A OP2   1 
ATOM   42  O "O5'" . DG  A 1 3 ? -1.688 9.468   1.794  1.00 30.15 ? 3  DG  A "O5'" 1 
ATOM   43  C "C5'" . DG  A 1 3 ? -2.500 9.967   0.719  1.00 28.86 ? 3  DG  A "C5'" 1 
ATOM   44  C "C4'" . DG  A 1 3 ? -1.879 9.626   -0.615 1.00 24.88 ? 3  DG  A "C4'" 1 
ATOM   45  O "O4'" . DG  A 1 3 ? -0.449 9.740   -0.550 1.00 24.53 ? 3  DG  A "O4'" 1 
ATOM   46  C "C3'" . DG  A 1 3 ? -2.121 8.205   -1.088 1.00 23.92 ? 3  DG  A "C3'" 1 
ATOM   47  O "O3'" . DG  A 1 3 ? -3.378 8.128   -1.752 1.00 27.03 ? 3  DG  A "O3'" 1 
ATOM   48  C "C2'" . DG  A 1 3 ? -1.024 8.057   -2.117 1.00 21.25 ? 3  DG  A "C2'" 1 
ATOM   49  C "C1'" . DG  A 1 3 ? 0.120  8.820   -1.478 1.00 20.79 ? 3  DG  A "C1'" 1 
ATOM   50  N N9    . DG  A 1 3 ? 0.987  7.923   -0.742 1.00 15.60 ? 3  DG  A N9    1 
ATOM   51  C C8    . DG  A 1 3 ? 1.245  7.909   0.601  1.00 13.83 ? 3  DG  A C8    1 
ATOM   52  N N7    . DG  A 1 3 ? 2.088  6.979   0.949  1.00 15.73 ? 3  DG  A N7    1 
ATOM   53  C C5    . DG  A 1 3 ? 2.390  6.331   -0.241 1.00 16.60 ? 3  DG  A C5    1 
ATOM   54  C C6    . DG  A 1 3 ? 3.349  5.328   -0.522 1.00 14.36 ? 3  DG  A C6    1 
ATOM   55  O O6    . DG  A 1 3 ? 4.058  4.697   0.250  1.00 17.39 ? 3  DG  A O6    1 
ATOM   56  N N1    . DG  A 1 3 ? 3.447  5.093   -1.879 1.00 15.13 ? 3  DG  A N1    1 
ATOM   57  C C2    . DG  A 1 3 ? 2.730  5.731   -2.852 1.00 13.61 ? 3  DG  A C2    1 
ATOM   58  N N2    . DG  A 1 3 ? 3.013  5.348   -4.086 1.00 13.14 ? 3  DG  A N2    1 
ATOM   59  N N3    . DG  A 1 3 ? 1.824  6.664   -2.623 1.00 14.05 ? 3  DG  A N3    1 
ATOM   60  C C4    . DG  A 1 3 ? 1.711  6.913   -1.297 1.00 16.60 ? 3  DG  A C4    1 
HETATM 61  N N1    . 5CM A 1 4 ? -0.088 3.416   -3.121 1.00 18.48 ? 4  5CM A N1    1 
HETATM 62  C C2    . 5CM A 1 4 ? 0.956  2.553   -2.974 1.00 18.72 ? 4  5CM A C2    1 
HETATM 63  N N3    . 5CM A 1 4 ? 1.432  2.312   -1.740 1.00 20.81 ? 4  5CM A N3    1 
HETATM 64  C C4    . 5CM A 1 4 ? 0.879  2.893   -0.681 1.00 14.56 ? 4  5CM A C4    1 
HETATM 65  C C5    . 5CM A 1 4 ? -0.218 3.782   -0.803 1.00 16.20 ? 4  5CM A C5    1 
HETATM 66  C C5A   . 5CM A 1 4 ? -0.794 4.436   0.419  1.00 14.69 ? 4  5CM A C5A   1 
HETATM 67  C C6    . 5CM A 1 4 ? -0.676 4.005   -2.037 1.00 16.54 ? 4  5CM A C6    1 
HETATM 68  O O2    . 5CM A 1 4 ? 1.425  2.012   -3.993 1.00 20.89 ? 4  5CM A O2    1 
HETATM 69  N N4    . 5CM A 1 4 ? 1.407  2.596   0.499  1.00 17.12 ? 4  5CM A N4    1 
HETATM 70  C "C1'" . 5CM A 1 4 ? -0.537 3.706   -4.468 1.00 18.21 ? 4  5CM A "C1'" 1 
HETATM 71  C "C2'" . 5CM A 1 4 ? -1.702 2.829   -4.903 1.00 18.17 ? 4  5CM A "C2'" 1 
HETATM 72  C "C3'" . 5CM A 1 4 ? -2.879 3.630   -4.393 1.00 19.33 ? 4  5CM A "C3'" 1 
HETATM 73  C "C4'" . 5CM A 1 4 ? -2.422 5.038   -4.717 1.00 19.77 ? 4  5CM A "C4'" 1 
HETATM 74  O "O4'" . 5CM A 1 4 ? -1.007 5.041   -4.451 1.00 20.65 ? 4  5CM A "O4'" 1 
HETATM 75  O "O3'" . 5CM A 1 4 ? -4.030 3.399   -5.189 1.00 22.07 ? 4  5CM A "O3'" 1 
HETATM 76  C "C5'" . 5CM A 1 4 ? -3.154 6.147   -4.001 1.00 19.85 ? 4  5CM A "C5'" 1 
HETATM 77  O "O5'" . 5CM A 1 4 ? -3.378 5.793   -2.645 1.00 23.68 ? 4  5CM A "O5'" 1 
HETATM 78  P P     . 5CM A 1 4 ? -4.209 6.760   -1.694 1.00 27.31 ? 4  5CM A P     1 
HETATM 79  O OP1   . 5CM A 1 4 ? -5.563 7.057   -2.280 1.00 24.68 ? 4  5CM A OP1   1 
HETATM 80  O OP2   . 5CM A 1 4 ? -4.087 6.214   -0.308 1.00 24.56 ? 4  5CM A OP2   1 
ATOM   81  P P     . DG  A 1 5 ? -4.884 2.072   -4.966 1.00 20.96 ? 5  DG  A P     1 
ATOM   82  O OP1   . DG  A 1 5 ? -6.172 2.214   -5.716 1.00 21.77 ? 5  DG  A OP1   1 
ATOM   83  O OP2   . DG  A 1 5 ? -4.899 1.825   -3.510 1.00 24.44 ? 5  DG  A OP2   1 
ATOM   84  O "O5'" . DG  A 1 5 ? -3.949 0.956   -5.604 1.00 17.68 ? 5  DG  A "O5'" 1 
ATOM   85  C "C5'" . DG  A 1 5 ? -3.948 -0.366  -5.115 1.00 14.24 ? 5  DG  A "C5'" 1 
ATOM   86  C "C4'" . DG  A 1 5 ? -2.675 -1.039  -5.552 1.00 14.25 ? 5  DG  A "C4'" 1 
ATOM   87  O "O4'" . DG  A 1 5 ? -1.586 -0.297  -4.985 1.00 13.68 ? 5  DG  A "O4'" 1 
ATOM   88  C "C3'" . DG  A 1 5 ? -2.490 -2.471  -5.064 1.00 16.82 ? 5  DG  A "C3'" 1 
ATOM   89  O "O3'" . DG  A 1 5 ? -3.076 -3.331  -6.045 1.00 21.56 ? 5  DG  A "O3'" 1 
ATOM   90  C "C2'" . DG  A 1 5 ? -0.982 -2.596  -5.096 1.00 13.30 ? 5  DG  A "C2'" 1 
ATOM   91  C "C1'" . DG  A 1 5 ? -0.538 -1.203  -4.656 1.00 14.59 ? 5  DG  A "C1'" 1 
ATOM   92  N N9    . DG  A 1 5 ? -0.344 -1.142  -3.218 1.00 12.22 ? 5  DG  A N9    1 
ATOM   93  C C8    . DG  A 1 5 ? -1.060 -0.410  -2.317 1.00 10.10 ? 5  DG  A C8    1 
ATOM   94  N N7    . DG  A 1 5 ? -0.618 -0.540  -1.096 1.00 11.72 ? 5  DG  A N7    1 
ATOM   95  C C5    . DG  A 1 5 ? 0.452  -1.412  -1.208 1.00 11.10 ? 5  DG  A C5    1 
ATOM   96  C C6    . DG  A 1 5 ? 1.324  -1.933  -0.221 1.00 13.26 ? 5  DG  A C6    1 
ATOM   97  O O6    . DG  A 1 5 ? 1.377  -1.662  0.976  1.00 16.91 ? 5  DG  A O6    1 
ATOM   98  N N1    . DG  A 1 5 ? 2.222  -2.851  -0.754 1.00 10.83 ? 5  DG  A N1    1 
ATOM   99  C C2    . DG  A 1 5 ? 2.295  -3.193  -2.067 1.00 12.86 ? 5  DG  A C2    1 
ATOM   100 N N2    . DG  A 1 5 ? 3.251  -4.056  -2.374 1.00 11.54 ? 5  DG  A N2    1 
ATOM   101 N N3    . DG  A 1 5 ? 1.498  -2.711  -3.009 1.00 14.14 ? 5  DG  A N3    1 
ATOM   102 C C4    . DG  A 1 5 ? 0.612  -1.818  -2.509 1.00 13.63 ? 5  DG  A C4    1 
HETATM 103 N N1    . 5CM A 1 6 ? 0.285  -6.076  -2.468 1.00 15.91 ? 6  5CM A N1    1 
HETATM 104 C C2    . 5CM A 1 6 ? 0.980  -6.230  -1.282 1.00 17.88 ? 6  5CM A C2    1 
HETATM 105 N N3    . 5CM A 1 6 ? 0.522  -5.613  -0.160 1.00 17.10 ? 6  5CM A N3    1 
HETATM 106 C C4    . 5CM A 1 6 ? -0.595 -4.901  -0.192 1.00 13.74 ? 6  5CM A C4    1 
HETATM 107 C C5    . 5CM A 1 6 ? -1.342 -4.736  -1.403 1.00 14.28 ? 6  5CM A C5    1 
HETATM 108 C C5A   . 5CM A 1 6 ? -2.601 -3.924  -1.405 1.00 14.25 ? 6  5CM A C5A   1 
HETATM 109 C C6    . 5CM A 1 6 ? -0.866 -5.338  -2.506 1.00 16.22 ? 6  5CM A C6    1 
HETATM 110 O O2    . 5CM A 1 6 ? 2.005  -6.943  -1.271 1.00 14.83 ? 6  5CM A O2    1 
HETATM 111 N N4    . 5CM A 1 6 ? -0.984 -4.370  0.968  1.00 12.90 ? 6  5CM A N4    1 
HETATM 112 C "C1'" . 5CM A 1 6 ? 0.825  -6.715  -3.665 1.00 18.32 ? 6  5CM A "C1'" 1 
HETATM 113 C "C2'" . 5CM A 1 6 ? 0.351  -8.150  -3.793 1.00 17.28 ? 6  5CM A "C2'" 1 
HETATM 114 C "C3'" . 5CM A 1 6 ? -0.995 -7.942  -4.460 1.00 21.70 ? 6  5CM A "C3'" 1 
HETATM 115 C "C4'" . 5CM A 1 6 ? -0.622 -6.868  -5.483 1.00 19.21 ? 6  5CM A "C4'" 1 
HETATM 116 O "O4'" . 5CM A 1 6 ? 0.319  -6.019  -4.802 1.00 19.67 ? 6  5CM A "O4'" 1 
HETATM 117 O "O3'" . 5CM A 1 6 ? -1.389 -9.177  -5.109 1.00 27.18 ? 6  5CM A "O3'" 1 
HETATM 118 C "C5'" . 5CM A 1 6 ? -1.711 -6.067  -6.155 1.00 14.00 ? 6  5CM A "C5'" 1 
HETATM 119 O "O5'" . 5CM A 1 6 ? -2.709 -5.700  -5.214 1.00 18.60 ? 6  5CM A "O5'" 1 
HETATM 120 P P     . 5CM A 1 6 ? -3.858 -4.665  -5.599 1.00 24.41 ? 6  5CM A P     1 
HETATM 121 O OP1   . 5CM A 1 6 ? -4.564 -5.176  -6.789 1.00 24.40 ? 6  5CM A OP1   1 
HETATM 122 O OP2   . 5CM A 1 6 ? -4.628 -4.257  -4.409 1.00 22.63 ? 6  5CM A OP2   1 
ATOM   123 P P     . DG  A 1 7 ? -2.528 -10.119 -4.459 1.00 24.55 ? 7  DG  A P     1 
ATOM   124 O OP1   . DG  A 1 7 ? -2.953 -11.005 -5.563 1.00 27.25 ? 7  DG  A OP1   1 
ATOM   125 O OP2   . DG  A 1 7 ? -3.594 -9.330  -3.739 1.00 27.77 ? 7  DG  A OP2   1 
ATOM   126 O "O5'" . DG  A 1 7 ? -1.727 -10.945 -3.347 1.00 22.83 ? 7  DG  A "O5'" 1 
ATOM   127 C "C5'" . DG  A 1 7 ? -0.410 -11.468 -3.586 1.00 20.86 ? 7  DG  A "C5'" 1 
ATOM   128 C "C4'" . DG  A 1 7 ? 0.223  -11.936 -2.292 1.00 22.10 ? 7  DG  A "C4'" 1 
ATOM   129 O "O4'" . DG  A 1 7 ? 0.786  -10.804 -1.602 1.00 22.88 ? 7  DG  A "O4'" 1 
ATOM   130 C "C3'" . DG  A 1 7 ? -0.615 -12.660 -1.237 1.00 23.90 ? 7  DG  A "C3'" 1 
ATOM   131 O "O3'" . DG  A 1 7 ? -0.646 -14.075 -1.474 1.00 28.02 ? 7  DG  A "O3'" 1 
ATOM   132 C "C2'" . DG  A 1 7 ? 0.221  -12.434 0.003  1.00 20.40 ? 7  DG  A "C2'" 1 
ATOM   133 C "C1'" . DG  A 1 7 ? 0.668  -11.000 -0.198 1.00 20.52 ? 7  DG  A "C1'" 1 
ATOM   134 N N9    . DG  A 1 7 ? -0.255 -9.998  0.328  1.00 17.04 ? 7  DG  A N9    1 
ATOM   135 C C8    . DG  A 1 7 ? -1.231 -9.276  -0.324 1.00 14.93 ? 7  DG  A C8    1 
ATOM   136 N N7    . DG  A 1 7 ? -1.823 -8.404  0.457  1.00 15.58 ? 7  DG  A N7    1 
ATOM   137 C C5    . DG  A 1 7 ? -1.207 -8.575  1.697  1.00 15.78 ? 7  DG  A C5    1 
ATOM   138 C C6    . DG  A 1 7 ? -1.424 -7.936  2.969  1.00 15.35 ? 7  DG  A C6    1 
ATOM   139 O O6    . DG  A 1 7 ? -2.178 -7.006  3.251  1.00 13.09 ? 7  DG  A O6    1 
ATOM   140 N N1    . DG  A 1 7 ? -0.622 -8.484  3.966  1.00 11.33 ? 7  DG  A N1    1 
ATOM   141 C C2    . DG  A 1 7 ? 0.291  -9.477  3.773  1.00 11.24 ? 7  DG  A C2    1 
ATOM   142 N N2    . DG  A 1 7 ? 0.997  -9.862  4.830  1.00 11.10 ? 7  DG  A N2    1 
ATOM   143 N N3    . DG  A 1 7 ? 0.518  -10.061 2.615  1.00 16.74 ? 7  DG  A N3    1 
ATOM   144 C C4    . DG  A 1 7 ? -0.258 -9.570  1.632  1.00 16.65 ? 7  DG  A C4    1 
ATOM   145 P P     . DC  A 1 8 ? -1.840 -14.970 -0.869 1.00 27.03 ? 8  DC  A P     1 
ATOM   146 O OP1   . DC  A 1 8 ? -1.593 -16.214 -1.639 1.00 31.07 ? 8  DC  A OP1   1 
ATOM   147 O OP2   . DC  A 1 8 ? -3.199 -14.360 -0.852 1.00 29.94 ? 8  DC  A OP2   1 
ATOM   148 O "O5'" . DC  A 1 8 ? -1.445 -15.189 0.660  1.00 27.46 ? 8  DC  A "O5'" 1 
ATOM   149 C "C5'" . DC  A 1 8 ? -0.056 -15.224 1.044  1.00 32.34 ? 8  DC  A "C5'" 1 
ATOM   150 C "C4'" . DC  A 1 8 ? 0.081  -15.217 2.550  1.00 33.10 ? 8  DC  A "C4'" 1 
ATOM   151 O "O4'" . DC  A 1 8 ? -0.176 -13.892 3.081  1.00 34.97 ? 8  DC  A "O4'" 1 
ATOM   152 C "C3'" . DC  A 1 8 ? -0.900 -16.165 3.237  1.00 34.60 ? 8  DC  A "C3'" 1 
ATOM   153 O "O3'" . DC  A 1 8 ? -0.072 -16.972 4.102  1.00 39.38 ? 8  DC  A "O3'" 1 
ATOM   154 C "C2'" . DC  A 1 8 ? -1.934 -15.245 3.859  1.00 33.53 ? 8  DC  A "C2'" 1 
ATOM   155 C "C1'" . DC  A 1 8 ? -1.205 -13.922 4.062  1.00 30.56 ? 8  DC  A "C1'" 1 
ATOM   156 N N1    . DC  A 1 8 ? -2.056 -12.728 3.871  1.00 24.79 ? 8  DC  A N1    1 
ATOM   157 C C2    . DC  A 1 8 ? -2.305 -11.887 4.952  1.00 21.80 ? 8  DC  A C2    1 
ATOM   158 O O2    . DC  A 1 8 ? -1.778 -12.131 6.045  1.00 21.76 ? 8  DC  A O2    1 
ATOM   159 N N3    . DC  A 1 8 ? -3.128 -10.821 4.781  1.00 18.98 ? 8  DC  A N3    1 
ATOM   160 C C4    . DC  A 1 8 ? -3.701 -10.598 3.602  1.00 14.06 ? 8  DC  A C4    1 
ATOM   161 N N4    . DC  A 1 8 ? -4.562 -9.594  3.515  1.00 8.23  ? 8  DC  A N4    1 
ATOM   162 C C5    . DC  A 1 8 ? -3.435 -11.417 2.473  1.00 13.51 ? 8  DC  A C5    1 
ATOM   163 C C6    . DC  A 1 8 ? -2.613 -12.458 2.651  1.00 20.48 ? 8  DC  A C6    1 
HETATM 164 O O     . HOH B 2 . ? -4.108 -5.856  1.719  1.00 31.46 ? 9  HOH A O     1 
HETATM 165 O O     . HOH B 2 . ? -4.967 -8.646  0.841  1.00 35.33 ? 10 HOH A O     1 
HETATM 166 O O     . HOH B 2 . ? -5.945 11.722  2.869  1.00 59.94 ? 11 HOH A O     1 
HETATM 167 O O     . HOH B 2 . ? -4.635 -1.261  -0.431 1.00 34.26 ? 12 HOH A O     1 
HETATM 168 O O     . HOH B 2 . ? -3.129 2.718   -0.296 1.00 50.47 ? 13 HOH A O     1 
HETATM 169 O O     . HOH B 2 . ? -2.283 0.353   1.318  1.00 37.37 ? 14 HOH A O     1 
HETATM 170 O O     . HOH B 2 . ? 9.753  6.441   2.123  1.00 42.42 ? 15 HOH A O     1 
HETATM 171 O O     . HOH B 2 . ? -5.260 -0.155  3.920  1.00 46.37 ? 16 HOH A O     1 
HETATM 172 O O     . HOH B 2 . ? 2.216  -3.101  -5.435 1.00 33.05 ? 17 HOH A O     1 
HETATM 173 O O     . HOH B 2 . ? -6.738 -0.029  -7.658 1.00 52.91 ? 18 HOH A O     1 
HETATM 174 O O     . HOH B 2 . ? -6.802 -11.585 -4.103 1.00 41.21 ? 19 HOH A O     1 
HETATM 175 O O     . HOH B 2 . ? -5.421 -5.320  -0.744 1.00 75.37 ? 20 HOH A O     1 
HETATM 176 O O     . HOH B 2 . ? -5.651 10.435  -3.677 1.00 62.51 ? 21 HOH A O     1 
HETATM 177 O O     . HOH B 2 . ? -7.611 7.921   -1.840 1.00 43.31 ? 22 HOH A O     1 
HETATM 178 O O     . HOH B 2 . ? 1.353  -13.443 6.745  1.00 52.57 ? 23 HOH A O     1 
HETATM 179 O O     . HOH B 2 . ? -6.459 -2.366  -3.078 1.00 41.15 ? 24 HOH A O     1 
HETATM 180 O O     . HOH B 2 . ? -0.522 -13.455 -7.603 1.00 77.40 ? 25 HOH A O     1 
HETATM 181 O O     . HOH B 2 . ? 1.178  -11.059 -6.996 1.00 62.02 ? 26 HOH A O     1 
HETATM 182 O O     . HOH B 2 . ? -0.174 -0.954  3.297  1.00 46.24 ? 27 HOH A O     1 
HETATM 183 O O     . HOH B 2 . ? -2.512 -2.863  2.264  1.00 50.10 ? 28 HOH A O     1 
# 
